data_4IT2
#
_entry.id   4IT2
#
_cell.length_a   120.245
_cell.length_b   45.416
_cell.length_c   95.743
_cell.angle_alpha   90.00
_cell.angle_beta   122.82
_cell.angle_gamma   90.00
#
_symmetry.space_group_name_H-M   'C 1 2 1'
#
loop_
_entity.id
_entity.type
_entity.pdbx_description
1 polymer 'Methyl-accepting chemotaxis protein'
2 non-polymer 'MANGANESE PROTOPORPHYRIN IX'
3 water water
#
_entity_poly.entity_id   1
_entity_poly.type   'polypeptide(L)'
_entity_poly.pdbx_seq_one_letter_code
;MKGTIVGTWIKTLRDLYGNDVVDESLKSVGWEPDRVITPLEDIDDDEVRRIFAKVSEKTGKNVNEIWREVGRQNIKTFSE
WFPSYFAGRRLVNFLMMMDEVHLQLTKMIKGATPPRLIAKPVAKDAIEMEYVSKRKMYDYFLGLIEGSSKFFKEEISVEE
VERGEKDGFSRLKVRIKFKNPVFEYKKN
;
_entity_poly.pdbx_strand_id   A,B
#
# COMPACT_ATOMS: atom_id res chain seq x y z
N MET A 1 10.56 12.06 -19.48
CA MET A 1 11.58 12.11 -18.43
C MET A 1 12.88 12.64 -19.01
N LYS A 2 13.75 13.17 -18.17
CA LYS A 2 15.05 13.66 -18.62
C LYS A 2 16.13 12.65 -18.32
N GLY A 3 17.18 12.67 -19.13
CA GLY A 3 18.17 11.62 -19.12
C GLY A 3 18.85 11.38 -17.80
N THR A 4 19.08 12.45 -17.04
CA THR A 4 19.86 12.35 -15.81
C THR A 4 19.28 11.33 -14.85
N ILE A 5 17.99 11.44 -14.59
CA ILE A 5 17.34 10.51 -13.68
C ILE A 5 17.23 9.14 -14.34
N VAL A 6 16.86 9.11 -15.62
CA VAL A 6 16.70 7.83 -16.33
C VAL A 6 17.98 7.02 -16.26
N GLY A 7 19.11 7.66 -16.51
CA GLY A 7 20.41 7.02 -16.39
C GLY A 7 20.65 6.48 -14.99
N THR A 8 20.20 7.23 -14.00
CA THR A 8 20.29 6.85 -12.59
C THR A 8 19.48 5.58 -12.32
N TRP A 9 18.25 5.57 -12.83
CA TRP A 9 17.41 4.37 -12.78
C TRP A 9 18.10 3.16 -13.41
N ILE A 10 18.77 3.37 -14.54
CA ILE A 10 19.42 2.26 -15.25
C ILE A 10 20.61 1.70 -14.48
N LYS A 11 21.41 2.56 -13.86
CA LYS A 11 22.53 2.09 -13.05
C LYS A 11 22.03 1.27 -11.86
N THR A 12 21.01 1.81 -11.18
CA THR A 12 20.43 1.16 -10.02
C THR A 12 19.88 -0.22 -10.36
N LEU A 13 19.22 -0.33 -11.51
CA LEU A 13 18.66 -1.61 -11.91
C LEU A 13 19.74 -2.64 -12.14
N ARG A 14 20.88 -2.21 -12.65
CA ARG A 14 22.02 -3.09 -12.87
C ARG A 14 22.55 -3.54 -11.52
N ASP A 15 22.72 -2.56 -10.63
CA ASP A 15 23.18 -2.80 -9.26
C ASP A 15 22.29 -3.82 -8.55
N LEU A 16 21.02 -3.88 -8.95
CA LEU A 16 20.07 -4.76 -8.30
C LEU A 16 19.92 -6.13 -8.98
N TYR A 17 19.92 -6.15 -10.30
CA TYR A 17 19.48 -7.34 -11.03
C TYR A 17 20.46 -7.87 -12.08
N GLY A 18 21.66 -7.28 -12.13
CA GLY A 18 22.68 -7.76 -13.05
C GLY A 18 22.57 -7.18 -14.46
N ASN A 19 23.68 -7.20 -15.18
CA ASN A 19 23.78 -6.58 -16.50
C ASN A 19 22.98 -7.29 -17.56
N ASP A 20 23.01 -8.62 -17.53
CA ASP A 20 22.30 -9.45 -18.50
C ASP A 20 20.85 -9.02 -18.57
N VAL A 21 20.18 -9.06 -17.41
CA VAL A 21 18.78 -8.66 -17.30
C VAL A 21 18.54 -7.24 -17.84
N VAL A 22 19.40 -6.31 -17.45
CA VAL A 22 19.26 -4.93 -17.91
C VAL A 22 19.47 -4.77 -19.43
N ASP A 23 20.58 -5.31 -19.93
CA ASP A 23 20.92 -5.19 -21.34
C ASP A 23 19.82 -5.73 -22.25
N GLU A 24 19.38 -6.96 -21.99
CA GLU A 24 18.32 -7.56 -22.80
C GLU A 24 17.04 -6.72 -22.70
N SER A 25 16.74 -6.24 -21.49
CA SER A 25 15.63 -5.32 -21.29
C SER A 25 15.86 -4.05 -22.12
N LEU A 26 17.07 -3.50 -22.04
CA LEU A 26 17.40 -2.33 -22.86
C LEU A 26 17.26 -2.64 -24.34
N LYS A 27 17.59 -3.88 -24.74
CA LYS A 27 17.46 -4.30 -26.13
C LYS A 27 16.01 -4.47 -26.54
N SER A 28 15.16 -4.88 -25.62
CA SER A 28 13.75 -5.15 -25.93
C SER A 28 12.98 -3.90 -26.36
N VAL A 29 13.46 -2.72 -25.98
CA VAL A 29 12.81 -1.47 -26.40
C VAL A 29 13.53 -0.85 -27.58
N GLY A 30 14.63 -1.47 -27.98
CA GLY A 30 15.36 -1.03 -29.16
C GLY A 30 16.46 -0.03 -28.85
N TRP A 31 16.91 0.01 -27.60
CA TRP A 31 18.08 0.82 -27.26
C TRP A 31 19.34 -0.02 -27.38
N GLU A 32 20.45 0.63 -27.68
CA GLU A 32 21.74 -0.02 -27.53
C GLU A 32 21.93 -0.29 -26.05
N PRO A 33 22.33 -1.51 -25.70
CA PRO A 33 22.47 -1.92 -24.29
C PRO A 33 23.55 -1.15 -23.52
N ASP A 34 24.41 -0.42 -24.24
CA ASP A 34 25.43 0.40 -23.59
C ASP A 34 25.21 1.88 -23.88
N ARG A 35 23.96 2.25 -24.19
CA ARG A 35 23.58 3.64 -24.45
C ARG A 35 24.09 4.59 -23.36
N VAL A 36 24.53 5.78 -23.78
CA VAL A 36 24.95 6.81 -22.84
C VAL A 36 23.99 7.99 -22.86
N ILE A 37 23.18 8.11 -21.81
CA ILE A 37 22.10 9.08 -21.80
C ILE A 37 22.57 10.44 -21.31
N THR A 38 22.37 11.46 -22.14
CA THR A 38 22.79 12.81 -21.83
C THR A 38 21.74 13.51 -20.97
N PRO A 39 22.20 14.30 -19.98
CA PRO A 39 21.39 15.00 -18.98
C PRO A 39 20.08 15.58 -19.50
N LEU A 40 20.15 16.29 -20.61
CA LEU A 40 18.99 17.03 -21.10
C LEU A 40 18.32 16.31 -22.27
N GLU A 41 18.70 15.06 -22.49
CA GLU A 41 18.06 14.26 -23.53
C GLU A 41 16.62 13.94 -23.15
N ASP A 42 15.73 13.96 -24.14
CA ASP A 42 14.34 13.59 -23.92
C ASP A 42 14.16 12.08 -24.05
N ILE A 43 13.92 11.42 -22.92
CA ILE A 43 13.64 9.98 -22.91
C ILE A 43 12.16 9.72 -22.76
N ASP A 44 11.60 9.01 -23.74
CA ASP A 44 10.18 8.67 -23.71
C ASP A 44 9.79 7.86 -22.47
N ASP A 45 8.75 8.32 -21.78
CA ASP A 45 8.27 7.70 -20.55
C ASP A 45 7.82 6.26 -20.73
N ASP A 46 7.08 6.00 -21.80
CA ASP A 46 6.61 4.64 -22.08
C ASP A 46 7.77 3.68 -22.33
N GLU A 47 8.85 4.17 -22.91
CA GLU A 47 10.02 3.34 -23.12
C GLU A 47 10.59 2.86 -21.78
N VAL A 48 10.70 3.77 -20.81
CA VAL A 48 11.12 3.39 -19.48
C VAL A 48 10.18 2.34 -18.89
N ARG A 49 8.88 2.56 -19.09
CA ARG A 49 7.86 1.66 -18.56
C ARG A 49 8.12 0.21 -19.00
N ARG A 50 8.41 0.04 -20.29
CA ARG A 50 8.60 -1.30 -20.83
C ARG A 50 9.92 -1.93 -20.40
N ILE A 51 10.95 -1.10 -20.21
CA ILE A 51 12.22 -1.58 -19.67
C ILE A 51 11.98 -2.19 -18.29
N PHE A 52 11.26 -1.48 -17.44
CA PHE A 52 10.96 -1.97 -16.10
C PHE A 52 10.08 -3.23 -16.18
N ALA A 53 9.12 -3.23 -17.10
CA ALA A 53 8.23 -4.35 -17.30
C ALA A 53 9.05 -5.58 -17.68
N LYS A 54 10.00 -5.39 -18.58
CA LYS A 54 10.83 -6.49 -19.07
C LYS A 54 11.71 -7.02 -17.96
N VAL A 55 12.23 -6.12 -17.14
CA VAL A 55 13.00 -6.55 -15.98
C VAL A 55 12.12 -7.39 -15.05
N SER A 56 10.86 -6.97 -14.90
CA SER A 56 9.93 -7.67 -14.03
C SER A 56 9.71 -9.11 -14.48
N GLU A 57 9.58 -9.31 -15.79
CA GLU A 57 9.38 -10.63 -16.36
C GLU A 57 10.64 -11.48 -16.31
N LYS A 58 11.80 -10.83 -16.30
CA LYS A 58 13.06 -11.57 -16.29
C LYS A 58 13.53 -11.98 -14.89
N THR A 59 13.04 -11.29 -13.86
CA THR A 59 13.43 -11.60 -12.49
C THR A 59 12.31 -12.27 -11.72
N GLY A 60 11.11 -12.23 -12.28
CA GLY A 60 9.92 -12.66 -11.57
C GLY A 60 9.52 -11.71 -10.45
N LYS A 61 10.12 -10.52 -10.42
CA LYS A 61 9.77 -9.52 -9.41
C LYS A 61 8.68 -8.59 -9.92
N ASN A 62 7.65 -8.41 -9.11
CA ASN A 62 6.55 -7.53 -9.42
C ASN A 62 7.09 -6.12 -9.72
N VAL A 63 6.56 -5.51 -10.77
CA VAL A 63 7.16 -4.28 -11.28
C VAL A 63 7.07 -3.14 -10.27
N ASN A 64 5.99 -3.12 -9.49
CA ASN A 64 5.80 -2.11 -8.45
C ASN A 64 6.81 -2.22 -7.31
N GLU A 65 7.28 -3.43 -7.06
CA GLU A 65 8.28 -3.61 -6.01
C GLU A 65 9.65 -3.26 -6.53
N ILE A 66 9.83 -3.37 -7.84
CA ILE A 66 11.06 -2.91 -8.45
C ILE A 66 11.15 -1.39 -8.32
N TRP A 67 10.06 -0.72 -8.66
CA TRP A 67 9.99 0.72 -8.52
C TRP A 67 10.23 1.18 -7.07
N ARG A 68 9.69 0.45 -6.10
CA ARG A 68 9.91 0.80 -4.69
C ARG A 68 11.39 0.64 -4.31
N GLU A 69 12.02 -0.41 -4.80
CA GLU A 69 13.42 -0.65 -4.48
C GLU A 69 14.33 0.36 -5.16
N VAL A 70 14.01 0.74 -6.39
CA VAL A 70 14.75 1.79 -7.07
C VAL A 70 14.66 3.09 -6.24
N GLY A 71 13.47 3.41 -5.75
CA GLY A 71 13.28 4.57 -4.90
C GLY A 71 14.11 4.54 -3.63
N ARG A 72 14.07 3.41 -2.95
CA ARG A 72 14.84 3.24 -1.72
C ARG A 72 16.31 3.51 -1.97
N GLN A 73 16.81 2.96 -3.07
CA GLN A 73 18.23 3.09 -3.42
C GLN A 73 18.64 4.47 -3.92
N ASN A 74 17.71 5.23 -4.51
CA ASN A 74 18.04 6.53 -5.07
C ASN A 74 18.46 7.60 -4.05
N ILE A 75 17.97 7.48 -2.82
CA ILE A 75 18.28 8.47 -1.79
C ILE A 75 19.79 8.49 -1.55
N LYS A 76 20.38 7.30 -1.44
CA LYS A 76 21.82 7.16 -1.26
C LYS A 76 22.55 7.93 -2.35
N THR A 77 22.22 7.64 -3.60
CA THR A 77 22.79 8.31 -4.77
C THR A 77 22.63 9.82 -4.72
N PHE A 78 21.43 10.28 -4.37
CA PHE A 78 21.16 11.71 -4.27
C PHE A 78 22.01 12.37 -3.18
N SER A 79 22.23 11.67 -2.07
CA SER A 79 23.03 12.23 -0.99
C SER A 79 24.49 12.42 -1.42
N GLU A 80 24.96 11.59 -2.35
CA GLU A 80 26.34 11.67 -2.84
C GLU A 80 26.50 12.81 -3.84
N TRP A 81 25.48 13.05 -4.65
CA TRP A 81 25.57 14.06 -5.71
C TRP A 81 25.07 15.43 -5.30
N PHE A 82 24.24 15.47 -4.26
CA PHE A 82 23.69 16.72 -3.78
C PHE A 82 23.71 16.74 -2.26
N PRO A 83 24.91 16.60 -1.66
CA PRO A 83 24.97 16.53 -0.19
C PRO A 83 24.50 17.81 0.52
N SER A 84 24.40 18.93 -0.19
CA SER A 84 23.96 20.17 0.44
C SER A 84 22.49 20.09 0.84
N TYR A 85 21.77 19.14 0.24
CA TYR A 85 20.36 18.93 0.55
C TYR A 85 20.15 18.10 1.82
N PHE A 86 21.19 17.37 2.20
CA PHE A 86 21.08 16.42 3.31
C PHE A 86 21.76 16.91 4.58
N ALA A 87 22.81 17.71 4.43
CA ALA A 87 23.60 18.19 5.57
C ALA A 87 22.81 19.07 6.54
N GLY A 88 22.96 18.77 7.84
CA GLY A 88 22.42 19.63 8.88
C GLY A 88 20.91 19.64 8.95
N ARG A 89 20.30 18.54 8.52
CA ARG A 89 18.84 18.45 8.49
C ARG A 89 18.36 17.17 9.15
N ARG A 90 17.16 17.25 9.72
CA ARG A 90 16.50 16.05 10.18
C ARG A 90 15.50 15.67 9.10
N LEU A 91 15.07 14.42 9.10
CA LEU A 91 14.11 13.91 8.11
C LEU A 91 12.95 14.88 7.83
N VAL A 92 12.33 15.37 8.90
CA VAL A 92 11.19 16.27 8.75
C VAL A 92 11.49 17.52 7.90
N ASN A 93 12.69 18.09 8.06
CA ASN A 93 13.06 19.29 7.30
C ASN A 93 13.22 18.96 5.82
N PHE A 94 13.95 17.88 5.57
CA PHE A 94 14.16 17.34 4.23
C PHE A 94 12.84 17.15 3.52
N LEU A 95 11.93 16.37 4.12
CA LEU A 95 10.67 16.05 3.48
C LEU A 95 9.86 17.31 3.18
N MET A 96 9.84 18.24 4.12
CA MET A 96 9.08 19.46 3.91
C MET A 96 9.68 20.41 2.89
N MET A 97 10.98 20.28 2.65
CA MET A 97 11.64 21.16 1.68
C MET A 97 11.57 20.59 0.27
N MET A 98 11.13 19.34 0.16
CA MET A 98 11.22 18.61 -1.11
C MET A 98 10.41 19.24 -2.21
N ASP A 99 9.24 19.78 -1.87
CA ASP A 99 8.44 20.46 -2.86
C ASP A 99 9.19 21.64 -3.47
N GLU A 100 9.92 22.38 -2.63
CA GLU A 100 10.62 23.57 -3.10
C GLU A 100 11.69 23.18 -4.10
N VAL A 101 12.47 22.17 -3.70
CA VAL A 101 13.50 21.57 -4.53
C VAL A 101 13.05 21.29 -5.98
N HIS A 102 11.91 20.61 -6.10
N HIS A 102 11.93 20.60 -6.16
CA HIS A 102 11.36 20.22 -7.41
CA HIS A 102 11.53 20.26 -7.53
C HIS A 102 10.92 21.40 -8.26
C HIS A 102 10.98 21.46 -8.30
N LEU A 103 10.32 22.39 -7.60
CA LEU A 103 9.86 23.62 -8.26
C LEU A 103 11.06 24.38 -8.79
N GLN A 104 12.15 24.33 -8.04
CA GLN A 104 13.38 25.02 -8.41
C GLN A 104 14.34 24.08 -9.16
N LEU A 105 13.85 22.88 -9.49
CA LEU A 105 14.64 21.95 -10.29
C LEU A 105 14.12 21.96 -11.71
N THR A 106 12.90 22.48 -11.87
CA THR A 106 12.25 22.56 -13.17
C THR A 106 13.09 23.45 -14.10
N LYS A 107 14.14 24.04 -13.54
CA LYS A 107 15.14 24.79 -14.29
C LYS A 107 16.21 23.90 -14.93
N MET A 108 16.44 22.69 -14.38
CA MET A 108 17.51 21.81 -14.85
C MET A 108 17.49 21.64 -16.36
N ILE A 109 16.36 21.14 -16.85
CA ILE A 109 16.02 21.35 -18.25
C ILE A 109 14.67 22.05 -18.22
N LYS A 110 14.41 22.88 -19.23
CA LYS A 110 13.17 23.65 -19.27
C LYS A 110 11.93 22.77 -19.38
N GLY A 111 12.10 21.55 -19.90
CA GLY A 111 10.98 20.64 -20.09
C GLY A 111 10.70 19.70 -18.94
N ALA A 112 11.58 19.64 -17.94
CA ALA A 112 11.42 18.76 -16.79
C ALA A 112 10.09 18.97 -16.06
N THR A 113 9.45 17.87 -15.65
CA THR A 113 8.22 17.97 -14.88
C THR A 113 8.21 17.02 -13.66
N PRO A 114 9.04 17.31 -12.64
CA PRO A 114 8.95 16.50 -11.42
C PRO A 114 7.70 16.91 -10.65
N PRO A 115 7.13 15.99 -9.85
CA PRO A 115 5.81 16.20 -9.24
C PRO A 115 5.81 17.20 -8.08
N ARG A 116 4.64 17.74 -7.76
CA ARG A 116 4.47 18.44 -6.50
C ARG A 116 4.61 17.46 -5.34
N LEU A 117 5.21 17.92 -4.25
CA LEU A 117 5.37 17.12 -3.05
C LEU A 117 4.99 17.93 -1.81
N ILE A 118 3.87 18.63 -1.86
CA ILE A 118 3.52 19.52 -0.76
C ILE A 118 3.30 18.78 0.56
N ALA A 119 4.06 19.18 1.57
CA ALA A 119 3.97 18.62 2.90
C ALA A 119 3.41 19.64 3.90
N LYS A 120 2.65 19.16 4.88
CA LYS A 120 2.10 20.03 5.91
C LYS A 120 1.92 19.29 7.23
N PRO A 121 2.22 19.97 8.34
CA PRO A 121 2.11 19.35 9.66
C PRO A 121 0.65 19.12 9.97
N VAL A 122 0.32 17.98 10.58
CA VAL A 122 -1.05 17.69 10.99
C VAL A 122 -1.12 17.24 12.44
N ALA A 123 0.03 17.30 13.11
CA ALA A 123 0.15 16.95 14.53
C ALA A 123 1.58 17.20 15.00
N LYS A 124 1.83 16.98 16.28
CA LYS A 124 3.14 17.22 16.87
C LYS A 124 4.21 16.26 16.36
N ASP A 125 3.77 15.13 15.82
CA ASP A 125 4.67 14.06 15.39
C ASP A 125 4.26 13.51 14.03
N ALA A 126 3.63 14.35 13.21
CA ALA A 126 3.14 13.87 11.92
C ALA A 126 2.96 14.96 10.87
N ILE A 127 3.17 14.58 9.61
CA ILE A 127 2.90 15.45 8.48
C ILE A 127 2.11 14.68 7.45
N GLU A 128 1.32 15.39 6.67
CA GLU A 128 0.80 14.84 5.42
C GLU A 128 1.76 15.22 4.28
N MET A 129 1.90 14.33 3.31
CA MET A 129 2.57 14.67 2.08
C MET A 129 1.74 14.17 0.91
N GLU A 130 1.56 15.02 -0.11
CA GLU A 130 0.82 14.66 -1.30
C GLU A 130 1.67 14.71 -2.57
N TYR A 131 1.86 13.54 -3.17
CA TYR A 131 2.44 13.42 -4.50
C TYR A 131 1.39 13.79 -5.54
N VAL A 132 1.74 14.69 -6.45
CA VAL A 132 0.82 15.09 -7.52
C VAL A 132 1.59 15.17 -8.82
N SER A 133 1.16 14.40 -9.81
CA SER A 133 1.86 14.32 -11.07
C SER A 133 0.94 13.89 -12.20
N LYS A 134 1.39 14.10 -13.43
CA LYS A 134 0.75 13.55 -14.61
C LYS A 134 1.09 12.08 -14.70
N ARG A 135 2.13 11.67 -13.99
CA ARG A 135 2.54 10.28 -13.99
C ARG A 135 1.95 9.58 -12.77
N LYS A 136 2.15 8.28 -12.70
CA LYS A 136 1.57 7.47 -11.63
C LYS A 136 2.66 6.67 -10.93
N MET A 137 3.72 7.35 -10.52
CA MET A 137 4.88 6.64 -9.99
C MET A 137 4.79 6.49 -8.46
N TYR A 138 3.70 5.86 -8.06
CA TYR A 138 3.34 5.72 -6.65
C TYR A 138 4.41 4.99 -5.84
N ASP A 139 4.86 3.85 -6.36
CA ASP A 139 5.84 3.07 -5.62
C ASP A 139 7.20 3.74 -5.59
N TYR A 140 7.52 4.50 -6.64
CA TYR A 140 8.81 5.21 -6.68
C TYR A 140 8.81 6.26 -5.57
N PHE A 141 7.73 7.02 -5.51
CA PHE A 141 7.46 7.96 -4.42
C PHE A 141 7.59 7.34 -3.02
N LEU A 142 6.84 6.27 -2.76
CA LEU A 142 6.89 5.58 -1.48
C LEU A 142 8.28 5.02 -1.15
N GLY A 143 8.97 4.52 -2.17
CA GLY A 143 10.33 4.01 -1.97
C GLY A 143 11.30 5.09 -1.51
N LEU A 144 11.16 6.26 -2.10
CA LEU A 144 12.04 7.39 -1.78
C LEU A 144 11.82 7.86 -0.34
N ILE A 145 10.56 7.92 0.08
CA ILE A 145 10.24 8.22 1.48
C ILE A 145 10.90 7.23 2.46
N GLU A 146 10.84 5.94 2.13
CA GLU A 146 11.38 4.91 3.00
C GLU A 146 12.90 5.01 3.04
N GLY A 147 13.50 5.28 1.88
CA GLY A 147 14.94 5.47 1.80
C GLY A 147 15.41 6.72 2.52
N SER A 148 14.58 7.76 2.57
CA SER A 148 14.93 8.97 3.30
C SER A 148 14.95 8.67 4.80
N SER A 149 14.01 7.83 5.23
CA SER A 149 13.90 7.43 6.63
C SER A 149 15.11 6.61 7.06
N LYS A 150 15.54 5.69 6.20
CA LYS A 150 16.73 4.87 6.43
C LYS A 150 18.01 5.74 6.48
N PHE A 151 18.14 6.67 5.55
CA PHE A 151 19.31 7.54 5.48
C PHE A 151 19.46 8.41 6.73
N PHE A 152 18.38 9.07 7.12
CA PHE A 152 18.41 9.97 8.28
C PHE A 152 18.33 9.22 9.60
N LYS A 153 18.13 7.91 9.52
CA LYS A 153 18.04 7.03 10.69
C LYS A 153 16.93 7.43 11.67
N GLU A 154 15.81 7.85 11.10
CA GLU A 154 14.62 8.23 11.87
C GLU A 154 13.43 7.37 11.43
N GLU A 155 12.91 6.57 12.35
CA GLU A 155 11.77 5.69 12.07
C GLU A 155 10.49 6.47 11.80
N ILE A 156 9.71 6.01 10.84
CA ILE A 156 8.41 6.61 10.58
C ILE A 156 7.40 5.50 10.34
N SER A 157 6.12 5.83 10.52
CA SER A 157 5.07 5.01 9.98
C SER A 157 4.43 5.81 8.85
N VAL A 158 4.21 5.16 7.72
CA VAL A 158 3.59 5.80 6.57
C VAL A 158 2.19 5.23 6.39
N GLU A 159 1.20 6.09 6.50
CA GLU A 159 -0.18 5.68 6.32
C GLU A 159 -0.75 6.33 5.06
N GLU A 160 -1.24 5.50 4.13
CA GLU A 160 -1.75 6.03 2.88
C GLU A 160 -3.21 6.48 3.01
N VAL A 161 -3.46 7.74 2.67
CA VAL A 161 -4.78 8.33 2.88
C VAL A 161 -5.63 8.31 1.61
N GLU A 162 -5.04 8.71 0.50
CA GLU A 162 -5.76 8.79 -0.77
C GLU A 162 -4.85 8.38 -1.90
N ARG A 163 -5.43 7.78 -2.94
CA ARG A 163 -4.69 7.45 -4.14
C ARG A 163 -5.65 7.52 -5.33
N GLY A 164 -5.18 7.99 -6.48
CA GLY A 164 -6.00 7.97 -7.69
C GLY A 164 -6.01 9.30 -8.41
N GLU A 165 -6.75 9.34 -9.52
CA GLU A 165 -6.84 10.52 -10.37
C GLU A 165 -7.87 11.53 -9.87
N LYS A 166 -7.50 12.80 -9.98
CA LYS A 166 -8.38 13.91 -9.62
C LYS A 166 -8.08 15.04 -10.61
N ASP A 167 -8.97 15.21 -11.58
CA ASP A 167 -8.82 16.17 -12.68
C ASP A 167 -7.44 16.24 -13.35
N GLY A 168 -7.15 15.26 -14.22
CA GLY A 168 -5.95 15.29 -15.04
C GLY A 168 -4.68 14.87 -14.32
N PHE A 169 -4.71 14.91 -12.98
CA PHE A 169 -3.51 14.59 -12.21
C PHE A 169 -3.67 13.36 -11.32
N SER A 170 -2.62 12.54 -11.28
CA SER A 170 -2.56 11.41 -10.38
C SER A 170 -2.03 11.90 -9.06
N ARG A 171 -2.61 11.39 -7.96
CA ARG A 171 -2.30 11.87 -6.63
C ARG A 171 -2.18 10.74 -5.61
N LEU A 172 -1.23 10.92 -4.68
CA LEU A 172 -1.07 10.01 -3.56
C LEU A 172 -0.74 10.81 -2.30
N LYS A 173 -1.69 10.83 -1.37
CA LYS A 173 -1.53 11.53 -0.09
C LYS A 173 -1.24 10.54 1.03
N VAL A 174 -0.13 10.77 1.74
CA VAL A 174 0.19 9.92 2.86
C VAL A 174 0.29 10.71 4.16
N ARG A 175 0.11 10.00 5.26
CA ARG A 175 0.28 10.60 6.58
C ARG A 175 1.54 10.01 7.15
N ILE A 176 2.52 10.85 7.43
CA ILE A 176 3.82 10.34 7.88
C ILE A 176 4.03 10.67 9.35
N LYS A 177 4.12 9.63 10.17
CA LYS A 177 4.20 9.80 11.62
C LYS A 177 5.58 9.45 12.16
N PHE A 178 6.14 10.36 12.93
CA PHE A 178 7.44 10.15 13.53
C PHE A 178 7.31 9.53 14.91
N LYS A 179 8.01 8.42 15.12
CA LYS A 179 8.10 7.77 16.43
C LYS A 179 8.40 8.79 17.51
N ASN A 180 9.57 9.41 17.41
CA ASN A 180 9.94 10.47 18.34
C ASN A 180 9.26 11.79 17.99
N PRO A 181 8.85 12.56 19.01
CA PRO A 181 8.10 13.82 18.83
C PRO A 181 8.90 14.88 18.07
N VAL A 182 8.37 15.34 16.94
CA VAL A 182 9.13 16.16 16.01
C VAL A 182 8.82 17.65 16.04
N PHE A 183 7.68 18.03 16.61
CA PHE A 183 7.18 19.39 16.43
C PHE A 183 6.61 20.09 17.67
N GLU A 184 6.90 21.39 17.76
CA GLU A 184 6.25 22.29 18.71
C GLU A 184 6.42 23.75 18.26
N MET B 1 -20.89 -2.54 14.49
CA MET B 1 -20.37 -3.82 14.01
C MET B 1 -21.10 -4.95 14.76
N LYS B 2 -21.49 -6.00 14.03
CA LYS B 2 -22.18 -7.13 14.66
C LYS B 2 -21.28 -7.88 15.64
N GLY B 3 -21.89 -8.31 16.75
CA GLY B 3 -21.19 -9.01 17.80
C GLY B 3 -20.42 -10.24 17.34
N THR B 4 -20.97 -10.95 16.35
CA THR B 4 -20.33 -12.17 15.85
C THR B 4 -18.89 -11.91 15.42
N ILE B 5 -18.70 -10.93 14.55
CA ILE B 5 -17.36 -10.68 13.99
C ILE B 5 -16.45 -10.03 15.02
N VAL B 6 -17.02 -9.24 15.92
CA VAL B 6 -16.21 -8.58 16.93
C VAL B 6 -15.65 -9.61 17.90
N GLY B 7 -16.47 -10.57 18.30
CA GLY B 7 -16.00 -11.67 19.13
C GLY B 7 -14.85 -12.40 18.45
N THR B 8 -14.98 -12.62 17.15
CA THR B 8 -13.92 -13.22 16.35
C THR B 8 -12.60 -12.38 16.31
N TRP B 9 -12.74 -11.07 16.15
CA TRP B 9 -11.56 -10.21 16.20
C TRP B 9 -10.88 -10.32 17.55
N ILE B 10 -11.64 -10.20 18.62
CA ILE B 10 -11.03 -10.20 19.95
C ILE B 10 -10.29 -11.52 20.24
N LYS B 11 -10.86 -12.64 19.81
CA LYS B 11 -10.20 -13.93 19.99
C LYS B 11 -8.90 -13.98 19.18
N THR B 12 -8.95 -13.46 17.96
CA THR B 12 -7.74 -13.39 17.15
C THR B 12 -6.63 -12.53 17.79
N LEU B 13 -7.02 -11.42 18.41
CA LEU B 13 -6.04 -10.58 19.13
C LEU B 13 -5.43 -11.31 20.33
N ARG B 14 -6.23 -12.13 21.02
CA ARG B 14 -5.75 -12.90 22.17
C ARG B 14 -4.75 -13.94 21.69
N ASP B 15 -5.08 -14.64 20.59
CA ASP B 15 -4.14 -15.58 19.97
C ASP B 15 -2.78 -14.93 19.63
N LEU B 16 -2.84 -13.83 18.91
CA LEU B 16 -1.65 -13.09 18.50
C LEU B 16 -0.86 -12.43 19.62
N TYR B 17 -1.54 -11.84 20.61
CA TYR B 17 -0.83 -10.92 21.51
C TYR B 17 -0.98 -11.26 22.98
N GLY B 18 -1.84 -12.23 23.28
CA GLY B 18 -1.94 -12.71 24.63
C GLY B 18 -3.02 -11.98 25.42
N ASN B 19 -3.44 -12.62 26.52
CA ASN B 19 -4.58 -12.18 27.31
C ASN B 19 -4.34 -10.88 28.08
N ASP B 20 -3.10 -10.62 28.49
CA ASP B 20 -2.82 -9.40 29.23
C ASP B 20 -3.00 -8.16 28.37
N VAL B 21 -2.35 -8.14 27.21
CA VAL B 21 -2.52 -7.05 26.26
C VAL B 21 -4.01 -6.87 25.96
N VAL B 22 -4.70 -7.96 25.63
CA VAL B 22 -6.12 -7.86 25.25
C VAL B 22 -7.04 -7.45 26.43
N ASP B 23 -6.88 -8.06 27.59
CA ASP B 23 -7.63 -7.65 28.79
C ASP B 23 -7.45 -6.15 29.08
N GLU B 24 -6.21 -5.68 29.13
CA GLU B 24 -5.99 -4.27 29.41
C GLU B 24 -6.61 -3.38 28.35
N SER B 25 -6.58 -3.86 27.12
CA SER B 25 -7.17 -3.11 26.03
C SER B 25 -8.68 -3.00 26.17
N LEU B 26 -9.34 -4.08 26.56
CA LEU B 26 -10.79 -4.03 26.76
C LEU B 26 -11.11 -3.09 27.93
N LYS B 27 -10.31 -3.19 28.99
CA LYS B 27 -10.54 -2.36 30.15
C LYS B 27 -10.37 -0.87 29.84
N SER B 28 -9.51 -0.57 28.87
CA SER B 28 -9.19 0.82 28.54
C SER B 28 -10.35 1.54 27.90
N VAL B 29 -11.24 0.79 27.24
CA VAL B 29 -12.45 1.35 26.66
C VAL B 29 -13.66 1.12 27.56
N GLY B 30 -13.40 0.74 28.80
CA GLY B 30 -14.48 0.58 29.76
C GLY B 30 -15.27 -0.73 29.69
N TRP B 31 -14.81 -1.70 28.92
CA TRP B 31 -15.49 -3.00 28.89
C TRP B 31 -14.94 -3.89 29.99
N GLU B 32 -15.70 -4.91 30.36
CA GLU B 32 -15.18 -5.99 31.18
C GLU B 32 -14.19 -6.80 30.34
N PRO B 33 -13.05 -7.16 30.93
CA PRO B 33 -12.01 -7.86 30.15
C PRO B 33 -12.52 -9.22 29.67
N ASP B 34 -13.51 -9.76 30.38
CA ASP B 34 -14.14 -11.04 30.01
C ASP B 34 -15.55 -10.83 29.49
N ARG B 35 -15.78 -9.72 28.79
CA ARG B 35 -17.13 -9.40 28.30
C ARG B 35 -17.71 -10.48 27.40
N VAL B 36 -18.97 -10.83 27.63
CA VAL B 36 -19.64 -11.79 26.75
C VAL B 36 -20.35 -11.04 25.63
N ILE B 37 -19.91 -11.28 24.41
CA ILE B 37 -20.50 -10.63 23.24
C ILE B 37 -21.40 -11.61 22.48
N THR B 38 -22.67 -11.25 22.39
CA THR B 38 -23.66 -12.08 21.72
C THR B 38 -23.65 -11.79 20.21
N PRO B 39 -24.04 -12.78 19.39
CA PRO B 39 -23.83 -12.67 17.94
C PRO B 39 -24.57 -11.49 17.28
N LEU B 40 -25.78 -11.17 17.72
CA LEU B 40 -26.60 -10.16 17.07
C LEU B 40 -26.52 -8.78 17.75
N GLU B 41 -25.77 -8.69 18.83
CA GLU B 41 -25.43 -7.42 19.46
C GLU B 41 -24.85 -6.41 18.46
N ASP B 42 -25.06 -5.12 18.70
CA ASP B 42 -24.42 -4.06 17.91
C ASP B 42 -23.36 -3.40 18.77
N ILE B 43 -22.10 -3.59 18.40
CA ILE B 43 -20.97 -3.04 19.11
C ILE B 43 -20.56 -1.72 18.45
N ASP B 44 -20.26 -0.71 19.26
CA ASP B 44 -19.84 0.58 18.75
C ASP B 44 -18.53 0.45 17.97
N ASP B 45 -18.54 0.87 16.71
CA ASP B 45 -17.38 0.79 15.83
C ASP B 45 -16.16 1.50 16.39
N ASP B 46 -16.36 2.66 16.99
CA ASP B 46 -15.21 3.39 17.49
C ASP B 46 -14.61 2.78 18.75
N GLU B 47 -15.42 2.11 19.55
CA GLU B 47 -14.84 1.34 20.64
C GLU B 47 -13.93 0.22 20.14
N VAL B 48 -14.31 -0.43 19.03
CA VAL B 48 -13.45 -1.48 18.44
C VAL B 48 -12.17 -0.83 17.91
N ARG B 49 -12.32 0.33 17.29
CA ARG B 49 -11.16 1.08 16.82
C ARG B 49 -10.13 1.32 17.94
N ARG B 50 -10.64 1.71 19.09
CA ARG B 50 -9.81 2.04 20.25
C ARG B 50 -9.19 0.81 20.93
N ILE B 51 -9.92 -0.30 20.95
CA ILE B 51 -9.34 -1.56 21.37
C ILE B 51 -8.07 -1.88 20.56
N PHE B 52 -8.19 -1.81 19.23
CA PHE B 52 -7.07 -2.10 18.33
C PHE B 52 -5.92 -1.11 18.46
N ALA B 53 -6.27 0.18 18.61
CA ALA B 53 -5.30 1.25 18.87
C ALA B 53 -4.52 0.97 20.15
N LYS B 54 -5.24 0.51 21.18
CA LYS B 54 -4.60 0.17 22.45
C LYS B 54 -3.65 -1.05 22.30
N VAL B 55 -4.07 -2.06 21.52
CA VAL B 55 -3.21 -3.23 21.30
C VAL B 55 -1.94 -2.77 20.61
N SER B 56 -2.10 -1.88 19.64
CA SER B 56 -0.96 -1.25 18.99
C SER B 56 -0.02 -0.57 19.97
N GLU B 57 -0.55 0.18 20.93
CA GLU B 57 0.29 0.87 21.90
C GLU B 57 1.05 -0.17 22.72
N LYS B 58 0.35 -1.20 23.15
CA LYS B 58 0.95 -2.19 24.02
C LYS B 58 1.98 -3.11 23.33
N THR B 59 1.86 -3.32 22.03
CA THR B 59 2.73 -4.28 21.36
C THR B 59 3.82 -3.57 20.60
N GLY B 60 3.63 -2.27 20.36
CA GLY B 60 4.55 -1.52 19.50
C GLY B 60 4.31 -1.77 18.03
N LYS B 61 3.28 -2.52 17.67
CA LYS B 61 3.00 -2.76 16.27
C LYS B 61 2.03 -1.72 15.74
N ASN B 62 2.25 -1.28 14.51
CA ASN B 62 1.38 -0.32 13.85
C ASN B 62 -0.06 -0.87 13.80
N VAL B 63 -1.04 -0.03 14.14
CA VAL B 63 -2.43 -0.49 14.17
C VAL B 63 -2.87 -1.04 12.80
N ASN B 64 -2.41 -0.42 11.71
CA ASN B 64 -2.76 -0.91 10.38
C ASN B 64 -2.22 -2.30 10.09
N GLU B 65 -1.09 -2.64 10.71
CA GLU B 65 -0.47 -3.95 10.52
C GLU B 65 -1.22 -5.01 11.33
N ILE B 66 -1.72 -4.60 12.49
CA ILE B 66 -2.58 -5.45 13.30
C ILE B 66 -3.88 -5.78 12.55
N TRP B 67 -4.53 -4.77 11.99
CA TRP B 67 -5.71 -5.01 11.15
C TRP B 67 -5.40 -5.98 9.99
N ARG B 68 -4.25 -5.82 9.34
CA ARG B 68 -3.91 -6.67 8.22
C ARG B 68 -3.65 -8.12 8.69
N GLU B 69 -2.95 -8.24 9.82
CA GLU B 69 -2.69 -9.54 10.40
C GLU B 69 -4.00 -10.24 10.81
N VAL B 70 -4.90 -9.51 11.47
CA VAL B 70 -6.20 -10.07 11.84
C VAL B 70 -6.97 -10.54 10.61
N GLY B 71 -6.94 -9.74 9.55
CA GLY B 71 -7.49 -10.14 8.27
C GLY B 71 -6.91 -11.45 7.76
N ARG B 72 -5.59 -11.57 7.75
CA ARG B 72 -4.93 -12.78 7.27
C ARG B 72 -5.35 -14.01 8.08
N GLN B 73 -5.46 -13.85 9.40
CA GLN B 73 -5.86 -14.95 10.30
C GLN B 73 -7.32 -15.35 10.15
N ASN B 74 -8.20 -14.39 9.92
CA ASN B 74 -9.62 -14.72 9.85
C ASN B 74 -10.07 -15.67 8.73
N ILE B 75 -9.27 -15.80 7.67
CA ILE B 75 -9.69 -16.65 6.55
C ILE B 75 -9.76 -18.12 7.00
N LYS B 76 -8.71 -18.57 7.65
CA LYS B 76 -8.68 -19.92 8.21
C LYS B 76 -9.92 -20.14 9.10
N THR B 77 -10.21 -19.19 9.97
CA THR B 77 -11.37 -19.29 10.86
C THR B 77 -12.69 -19.40 10.09
N PHE B 78 -12.83 -18.57 9.06
CA PHE B 78 -14.01 -18.61 8.20
C PHE B 78 -14.12 -19.98 7.51
N SER B 79 -12.97 -20.53 7.09
CA SER B 79 -12.98 -21.82 6.39
C SER B 79 -13.43 -22.99 7.25
N GLU B 80 -13.14 -22.92 8.55
CA GLU B 80 -13.59 -23.93 9.52
C GLU B 80 -15.07 -23.85 9.81
N TRP B 81 -15.59 -22.62 9.92
CA TRP B 81 -17.00 -22.40 10.27
C TRP B 81 -17.97 -22.36 9.07
N PHE B 82 -17.43 -22.04 7.90
CA PHE B 82 -18.24 -21.91 6.70
C PHE B 82 -17.58 -22.63 5.52
N PRO B 83 -17.34 -23.94 5.66
CA PRO B 83 -16.51 -24.60 4.65
C PRO B 83 -17.16 -24.76 3.27
N SER B 84 -18.46 -24.51 3.17
CA SER B 84 -19.17 -24.60 1.89
C SER B 84 -18.85 -23.41 0.99
N TYR B 85 -18.27 -22.36 1.58
CA TYR B 85 -17.80 -21.20 0.85
C TYR B 85 -16.42 -21.47 0.26
N PHE B 86 -15.76 -22.49 0.80
CA PHE B 86 -14.38 -22.76 0.46
C PHE B 86 -14.20 -24.02 -0.39
N ALA B 87 -15.08 -24.99 -0.19
CA ALA B 87 -14.95 -26.28 -0.87
C ALA B 87 -15.23 -26.18 -2.38
N GLY B 88 -14.40 -26.85 -3.17
CA GLY B 88 -14.56 -26.89 -4.61
C GLY B 88 -14.06 -25.66 -5.36
N ARG B 89 -13.68 -24.62 -4.63
CA ARG B 89 -13.33 -23.37 -5.29
C ARG B 89 -11.85 -23.19 -5.45
N ARG B 90 -11.49 -22.37 -6.43
CA ARG B 90 -10.16 -21.83 -6.50
C ARG B 90 -10.27 -20.35 -6.14
N LEU B 91 -9.12 -19.73 -5.88
CA LEU B 91 -9.09 -18.37 -5.36
C LEU B 91 -9.97 -17.42 -6.18
N VAL B 92 -9.86 -17.49 -7.50
CA VAL B 92 -10.60 -16.56 -8.36
C VAL B 92 -12.12 -16.65 -8.17
N ASN B 93 -12.65 -17.87 -8.03
CA ASN B 93 -14.08 -18.04 -7.80
C ASN B 93 -14.48 -17.53 -6.43
N PHE B 94 -13.67 -17.83 -5.43
CA PHE B 94 -13.94 -17.38 -4.07
C PHE B 94 -14.01 -15.85 -4.04
N LEU B 95 -13.05 -15.20 -4.67
CA LEU B 95 -13.01 -13.74 -4.63
C LEU B 95 -14.18 -13.11 -5.40
N MET B 96 -14.50 -13.67 -6.55
CA MET B 96 -15.61 -13.18 -7.37
C MET B 96 -16.97 -13.42 -6.73
N MET B 97 -17.05 -14.37 -5.82
CA MET B 97 -18.33 -14.64 -5.16
C MET B 97 -18.53 -13.84 -3.87
N MET B 98 -17.48 -13.14 -3.43
CA MET B 98 -17.55 -12.46 -2.14
C MET B 98 -18.62 -11.37 -2.06
N ASP B 99 -18.84 -10.62 -3.13
CA ASP B 99 -19.89 -9.59 -3.09
C ASP B 99 -21.26 -10.21 -2.80
N GLU B 100 -21.53 -11.36 -3.40
CA GLU B 100 -22.83 -12.02 -3.28
C GLU B 100 -23.07 -12.50 -1.86
N VAL B 101 -22.05 -13.21 -1.35
CA VAL B 101 -21.96 -13.58 0.06
C VAL B 101 -22.38 -12.40 0.94
N HIS B 102 -21.71 -11.27 0.78
CA HIS B 102 -22.03 -10.09 1.59
C HIS B 102 -23.45 -9.55 1.41
N LEU B 103 -23.93 -9.54 0.17
CA LEU B 103 -25.28 -9.05 -0.08
C LEU B 103 -26.30 -9.97 0.60
N GLN B 104 -26.01 -11.26 0.56
CA GLN B 104 -26.89 -12.26 1.18
C GLN B 104 -26.62 -12.42 2.68
N LEU B 105 -25.95 -11.43 3.25
CA LEU B 105 -25.78 -11.37 4.70
C LEU B 105 -26.47 -10.12 5.24
N THR B 106 -26.47 -9.07 4.43
CA THR B 106 -27.18 -7.83 4.78
C THR B 106 -28.67 -8.07 4.96
N LYS B 107 -29.27 -8.81 4.03
CA LYS B 107 -30.67 -9.17 4.11
C LYS B 107 -30.95 -10.10 5.30
N MET B 108 -30.14 -11.15 5.45
CA MET B 108 -30.35 -12.15 6.50
C MET B 108 -30.24 -11.60 7.93
N ILE B 109 -29.03 -11.20 8.32
CA ILE B 109 -28.81 -10.70 9.68
C ILE B 109 -29.01 -9.18 9.71
N LYS B 110 -30.00 -8.75 10.49
CA LYS B 110 -30.66 -7.47 10.26
C LYS B 110 -29.79 -6.20 10.37
N GLY B 111 -28.95 -6.14 11.40
CA GLY B 111 -28.11 -4.96 11.57
C GLY B 111 -26.81 -5.03 10.80
N ALA B 112 -26.58 -6.12 10.06
CA ALA B 112 -25.30 -6.33 9.38
C ALA B 112 -25.14 -5.49 8.12
N THR B 113 -24.00 -4.80 8.03
CA THR B 113 -23.68 -4.03 6.83
C THR B 113 -22.27 -4.30 6.34
N PRO B 114 -22.03 -5.48 5.77
CA PRO B 114 -20.69 -5.70 5.22
C PRO B 114 -20.47 -4.82 3.97
N PRO B 115 -19.19 -4.70 3.53
CA PRO B 115 -18.93 -3.84 2.38
C PRO B 115 -19.37 -4.48 1.07
N ARG B 116 -19.57 -3.67 0.04
CA ARG B 116 -19.63 -4.18 -1.31
C ARG B 116 -18.21 -4.59 -1.70
N LEU B 117 -18.08 -5.69 -2.47
CA LEU B 117 -16.78 -6.23 -2.89
C LEU B 117 -16.78 -6.70 -4.34
N ILE B 118 -17.46 -5.94 -5.19
CA ILE B 118 -17.61 -6.26 -6.59
C ILE B 118 -16.28 -6.52 -7.25
N ALA B 119 -16.15 -7.68 -7.88
CA ALA B 119 -14.94 -8.04 -8.59
C ALA B 119 -15.25 -8.31 -10.06
N LYS B 120 -14.27 -8.10 -10.92
CA LYS B 120 -14.43 -8.43 -12.33
C LYS B 120 -13.06 -8.77 -12.91
N PRO B 121 -13.01 -9.80 -13.77
CA PRO B 121 -11.78 -10.13 -14.50
C PRO B 121 -11.46 -8.97 -15.42
N VAL B 122 -10.17 -8.69 -15.63
CA VAL B 122 -9.76 -7.57 -16.47
C VAL B 122 -8.57 -7.98 -17.34
N ALA B 123 -8.17 -9.24 -17.21
CA ALA B 123 -7.06 -9.79 -17.97
C ALA B 123 -7.08 -11.30 -17.81
N LYS B 124 -6.28 -12.00 -18.61
CA LYS B 124 -6.22 -13.45 -18.50
C LYS B 124 -5.65 -13.89 -17.14
N ASP B 125 -4.96 -12.97 -16.46
CA ASP B 125 -4.34 -13.26 -15.18
C ASP B 125 -4.63 -12.21 -14.11
N ALA B 126 -5.73 -11.48 -14.26
CA ALA B 126 -6.04 -10.43 -13.30
C ALA B 126 -7.52 -10.14 -13.17
N ILE B 127 -7.94 -9.91 -11.93
CA ILE B 127 -9.26 -9.36 -11.67
C ILE B 127 -9.08 -8.03 -10.93
N GLU B 128 -10.12 -7.19 -10.99
CA GLU B 128 -10.19 -6.00 -10.15
C GLU B 128 -11.22 -6.23 -9.05
N MET B 129 -10.92 -5.74 -7.85
CA MET B 129 -11.91 -5.79 -6.78
C MET B 129 -11.99 -4.42 -6.13
N GLU B 130 -13.22 -3.98 -5.86
CA GLU B 130 -13.43 -2.72 -5.18
C GLU B 130 -14.18 -2.85 -3.86
N TYR B 131 -13.47 -2.54 -2.79
CA TYR B 131 -14.04 -2.42 -1.45
C TYR B 131 -14.82 -1.11 -1.40
N VAL B 132 -16.10 -1.20 -0.99
CA VAL B 132 -16.91 0.00 -0.84
C VAL B 132 -17.67 -0.07 0.49
N SER B 133 -17.48 0.91 1.36
CA SER B 133 -18.05 0.83 2.70
C SER B 133 -18.29 2.23 3.28
N LYS B 134 -19.09 2.32 4.33
CA LYS B 134 -19.16 3.56 5.07
C LYS B 134 -17.95 3.62 5.98
N ARG B 135 -17.43 2.45 6.35
CA ARG B 135 -16.23 2.38 7.18
C ARG B 135 -14.98 2.46 6.31
N LYS B 136 -13.82 2.38 6.96
CA LYS B 136 -12.54 2.57 6.28
C LYS B 136 -11.56 1.47 6.65
N MET B 137 -11.98 0.23 6.45
CA MET B 137 -11.17 -0.89 6.94
C MET B 137 -10.30 -1.45 5.84
N TYR B 138 -9.46 -0.56 5.31
CA TYR B 138 -8.63 -0.88 4.15
C TYR B 138 -7.68 -2.03 4.41
N ASP B 139 -7.01 -1.99 5.55
CA ASP B 139 -6.00 -2.99 5.84
C ASP B 139 -6.61 -4.34 6.19
N TYR B 140 -7.77 -4.34 6.84
CA TYR B 140 -8.50 -5.58 7.13
C TYR B 140 -8.83 -6.24 5.80
N PHE B 141 -9.38 -5.44 4.89
CA PHE B 141 -9.69 -5.89 3.53
C PHE B 141 -8.50 -6.52 2.84
N LEU B 142 -7.36 -5.83 2.86
CA LEU B 142 -6.15 -6.32 2.20
C LEU B 142 -5.63 -7.60 2.86
N GLY B 143 -5.70 -7.65 4.20
CA GLY B 143 -5.33 -8.84 4.94
C GLY B 143 -6.15 -10.08 4.59
N LEU B 144 -7.47 -9.91 4.47
CA LEU B 144 -8.33 -11.00 4.02
C LEU B 144 -7.95 -11.51 2.63
N ILE B 145 -7.61 -10.59 1.73
CA ILE B 145 -7.15 -11.01 0.41
C ILE B 145 -5.88 -11.85 0.50
N GLU B 146 -4.90 -11.36 1.25
CA GLU B 146 -3.65 -12.09 1.43
C GLU B 146 -3.88 -13.43 2.14
N GLY B 147 -4.77 -13.43 3.11
CA GLY B 147 -5.09 -14.66 3.82
C GLY B 147 -5.75 -15.67 2.89
N SER B 148 -6.61 -15.16 2.01
CA SER B 148 -7.26 -15.97 0.98
C SER B 148 -6.23 -16.63 0.05
N SER B 149 -5.28 -15.84 -0.43
CA SER B 149 -4.21 -16.35 -1.28
C SER B 149 -3.43 -17.44 -0.58
N LYS B 150 -3.19 -17.23 0.72
CA LYS B 150 -2.46 -18.20 1.53
C LYS B 150 -3.23 -19.51 1.62
N PHE B 151 -4.52 -19.39 1.90
CA PHE B 151 -5.36 -20.56 2.13
C PHE B 151 -5.53 -21.44 0.88
N PHE B 152 -5.75 -20.82 -0.27
CA PHE B 152 -5.98 -21.56 -1.52
C PHE B 152 -4.64 -21.95 -2.12
N LYS B 153 -3.58 -21.40 -1.55
CA LYS B 153 -2.21 -21.61 -2.03
C LYS B 153 -2.03 -21.22 -3.49
N GLU B 154 -2.57 -20.07 -3.88
CA GLU B 154 -2.30 -19.50 -5.19
C GLU B 154 -1.63 -18.15 -5.01
N GLU B 155 -0.47 -17.98 -5.63
CA GLU B 155 0.30 -16.74 -5.50
C GLU B 155 -0.35 -15.61 -6.26
N ILE B 156 -0.48 -14.46 -5.60
CA ILE B 156 -0.97 -13.24 -6.23
C ILE B 156 -0.11 -12.04 -5.87
N SER B 157 -0.30 -10.94 -6.60
CA SER B 157 0.19 -9.64 -6.18
C SER B 157 -0.99 -8.70 -6.23
N VAL B 158 -1.03 -7.73 -5.31
CA VAL B 158 -2.13 -6.79 -5.22
C VAL B 158 -1.64 -5.40 -5.51
N GLU B 159 -2.18 -4.79 -6.56
CA GLU B 159 -1.81 -3.44 -6.92
C GLU B 159 -2.96 -2.52 -6.57
N GLU B 160 -2.69 -1.54 -5.72
CA GLU B 160 -3.73 -0.61 -5.32
C GLU B 160 -3.88 0.43 -6.41
N VAL B 161 -5.11 0.66 -6.85
CA VAL B 161 -5.37 1.60 -7.94
C VAL B 161 -5.93 2.91 -7.40
N GLU B 162 -6.90 2.80 -6.50
CA GLU B 162 -7.59 3.97 -5.96
C GLU B 162 -7.96 3.79 -4.50
N ARG B 163 -7.95 4.89 -3.76
CA ARG B 163 -8.30 4.86 -2.35
C ARG B 163 -8.82 6.22 -1.98
N GLY B 164 -9.91 6.24 -1.25
CA GLY B 164 -10.39 7.49 -0.71
C GLY B 164 -11.90 7.50 -0.72
N GLU B 165 -12.46 8.65 -0.37
CA GLU B 165 -13.90 8.77 -0.34
C GLU B 165 -14.43 9.22 -1.69
N LYS B 166 -15.29 8.41 -2.29
CA LYS B 166 -16.16 8.89 -3.35
C LYS B 166 -17.50 9.08 -2.65
N ASP B 167 -17.69 10.27 -2.10
CA ASP B 167 -18.78 10.61 -1.15
C ASP B 167 -20.09 9.80 -1.24
N GLY B 168 -20.57 9.34 -0.08
CA GLY B 168 -19.87 9.50 1.18
C GLY B 168 -19.32 8.16 1.67
N PHE B 169 -18.91 7.34 0.71
CA PHE B 169 -18.36 6.01 0.98
C PHE B 169 -16.86 5.99 0.82
N SER B 170 -16.19 5.19 1.62
CA SER B 170 -14.78 4.94 1.41
C SER B 170 -14.66 3.84 0.39
N ARG B 171 -13.66 3.95 -0.48
CA ARG B 171 -13.45 3.01 -1.56
C ARG B 171 -11.98 2.65 -1.67
N LEU B 172 -11.70 1.38 -1.93
CA LEU B 172 -10.35 0.94 -2.29
C LEU B 172 -10.43 -0.05 -3.45
N LYS B 173 -9.90 0.37 -4.59
CA LYS B 173 -9.89 -0.48 -5.74
C LYS B 173 -8.51 -1.11 -5.93
N VAL B 174 -8.49 -2.42 -6.04
CA VAL B 174 -7.24 -3.14 -6.25
C VAL B 174 -7.26 -3.97 -7.52
N ARG B 175 -6.09 -4.15 -8.11
CA ARG B 175 -5.91 -5.07 -9.23
C ARG B 175 -5.13 -6.29 -8.73
N ILE B 176 -5.77 -7.45 -8.78
CA ILE B 176 -5.15 -8.65 -8.22
C ILE B 176 -4.60 -9.51 -9.34
N LYS B 177 -3.27 -9.56 -9.41
CA LYS B 177 -2.62 -10.26 -10.50
C LYS B 177 -2.19 -11.62 -10.01
N PHE B 178 -2.62 -12.67 -10.72
CA PHE B 178 -2.30 -14.05 -10.38
C PHE B 178 -1.01 -14.43 -11.07
N LYS B 179 -0.14 -15.15 -10.36
CA LYS B 179 1.11 -15.63 -10.96
C LYS B 179 0.83 -16.59 -12.11
N ASN B 180 -0.03 -17.57 -11.87
CA ASN B 180 -0.55 -18.43 -12.93
C ASN B 180 -1.84 -17.86 -13.50
N PRO B 181 -1.93 -17.72 -14.83
CA PRO B 181 -3.14 -17.23 -15.49
C PRO B 181 -4.38 -18.01 -15.07
N VAL B 182 -5.52 -17.34 -14.97
CA VAL B 182 -6.76 -17.98 -14.55
C VAL B 182 -7.70 -18.27 -15.73
N PHE B 183 -7.57 -17.47 -16.79
CA PHE B 183 -8.39 -17.64 -18.01
C PHE B 183 -7.53 -17.95 -19.23
N GLU B 184 -8.16 -18.49 -20.28
CA GLU B 184 -7.49 -18.77 -21.54
C GLU B 184 -8.50 -18.77 -22.68
N TYR B 185 -8.02 -18.52 -23.90
CA TYR B 185 -8.87 -18.64 -25.09
C TYR B 185 -9.22 -20.08 -25.35
#